data_3SW9
#
_entry.id   3SW9
#
_cell.length_a   80.140
_cell.length_b   91.140
_cell.length_c   95.070
_cell.angle_alpha   90.00
_cell.angle_beta   90.00
_cell.angle_gamma   90.00
#
_symmetry.space_group_name_H-M   'P 21 21 21'
#
loop_
_entity.id
_entity.type
_entity.pdbx_description
1 polymer 'Histone-lysine N-methyltransferase EHMT1'
2 polymer 'DNA (cytosine-5)-methyltransferase 3A'
3 non-polymer 'ZINC ION'
4 non-polymer SINEFUNGIN
5 water water
#
loop_
_entity_poly.entity_id
_entity_poly.type
_entity_poly.pdbx_seq_one_letter_code
_entity_poly.pdbx_strand_id
1 'polypeptide(L)'
;NSQVWSALQMSKALQDSAPDRPSPVERIVSRDIARGYERIPIPCVNAVDSEPCPSNYKYVSQNCVTSPMNIDRNITHLQY
CVCIDDCSSSNCMCGQLSMRCWYDKDGRLLPEFNMAEPPLIFECNHACSCWRNCRNRVVQNGLRARLQLYRTRDMGWGVR
SLQDIPPGTFVCEYVGELISDSEADVREEDSYLFDLDNKDGEVYCIDARFYGNVSRFINHHCEPNLVPVRVFMAHQDLRF
PRIAFFSTRLIEAGEQLGFDYGERFWDIKGKLFSCRCGSPKCRHS
;
A,B
2 'polypeptide(L)' SATARKVGRPGR P,Q
#
# COMPACT_ATOMS: atom_id res chain seq x y z
N VAL A 25 36.44 15.03 -2.72
CA VAL A 25 35.99 13.72 -2.28
C VAL A 25 34.46 13.55 -2.37
N GLU A 26 33.99 12.33 -2.10
CA GLU A 26 32.57 11.98 -2.19
C GLU A 26 31.84 12.22 -0.84
N ARG A 27 31.32 13.43 -0.65
CA ARG A 27 30.70 13.84 0.61
C ARG A 27 29.24 13.37 0.75
N ILE A 28 29.03 12.35 1.59
CA ILE A 28 27.71 11.73 1.81
C ILE A 28 26.70 12.61 2.57
N VAL A 29 26.07 13.54 1.89
CA VAL A 29 25.12 14.45 2.55
C VAL A 29 23.79 13.80 2.95
N SER A 30 23.59 12.52 2.58
CA SER A 30 22.51 11.70 3.14
C SER A 30 22.67 10.20 2.91
N ARG A 31 22.17 9.40 3.85
CA ARG A 31 22.27 7.93 3.76
C ARG A 31 21.07 7.33 3.05
N ASP A 32 19.96 8.07 3.07
CA ASP A 32 18.73 7.64 2.40
C ASP A 32 17.72 8.78 2.28
N ILE A 33 17.74 9.46 1.14
CA ILE A 33 16.82 10.56 0.90
C ILE A 33 15.35 10.16 1.14
N ALA A 34 15.06 8.86 1.08
CA ALA A 34 13.67 8.38 1.24
C ALA A 34 13.30 8.03 2.68
N ARG A 35 14.26 8.14 3.60
CA ARG A 35 14.00 7.87 5.01
C ARG A 35 13.35 6.50 5.18
N GLY A 36 13.83 5.53 4.42
CA GLY A 36 13.41 4.15 4.63
C GLY A 36 12.04 3.78 4.09
N TYR A 37 11.50 4.61 3.19
CA TYR A 37 10.24 4.30 2.51
C TYR A 37 10.40 3.45 1.23
N GLU A 38 11.64 3.16 0.84
CA GLU A 38 11.90 2.35 -0.34
C GLU A 38 12.55 1.02 0.01
N ARG A 39 12.34 0.02 -0.82
CA ARG A 39 12.87 -1.33 -0.57
C ARG A 39 14.38 -1.34 -0.36
N ILE A 40 15.11 -0.60 -1.19
CA ILE A 40 16.54 -0.36 -1.00
C ILE A 40 16.65 1.12 -0.69
N PRO A 41 17.74 1.55 -0.02
CA PRO A 41 17.99 2.96 0.33
C PRO A 41 18.49 3.81 -0.84
N ILE A 42 18.19 5.10 -0.83
CA ILE A 42 18.71 5.96 -1.89
C ILE A 42 19.49 7.12 -1.32
N PRO A 43 20.82 7.03 -1.37
CA PRO A 43 21.73 8.02 -0.79
C PRO A 43 21.94 9.23 -1.67
N CYS A 44 22.29 10.35 -1.05
CA CYS A 44 22.68 11.54 -1.80
C CYS A 44 24.12 11.99 -1.49
N VAL A 45 24.99 11.95 -2.49
CA VAL A 45 26.34 12.44 -2.33
C VAL A 45 26.55 13.67 -3.21
N ASN A 46 27.56 14.47 -2.84
CA ASN A 46 27.90 15.70 -3.57
C ASN A 46 29.42 15.91 -3.61
N ALA A 47 29.98 15.88 -4.80
CA ALA A 47 31.42 15.99 -4.96
C ALA A 47 31.76 17.08 -5.96
N VAL A 48 30.95 18.13 -6.01
CA VAL A 48 31.23 19.27 -6.89
C VAL A 48 31.06 20.64 -6.22
N ASP A 49 30.20 20.73 -5.20
CA ASP A 49 30.08 21.99 -4.50
C ASP A 49 29.43 21.95 -3.12
N SER A 50 29.01 23.13 -2.67
CA SER A 50 28.62 23.36 -1.29
C SER A 50 27.19 22.90 -1.03
N GLU A 51 26.36 22.93 -2.06
CA GLU A 51 24.95 22.59 -1.93
C GLU A 51 24.75 21.34 -1.05
N PRO A 52 23.91 21.48 -0.03
CA PRO A 52 23.62 20.33 0.84
C PRO A 52 22.57 19.44 0.19
N CYS A 53 22.31 18.28 0.80
CA CYS A 53 21.17 17.45 0.42
C CYS A 53 19.95 18.33 0.10
N PRO A 54 19.26 18.06 -1.01
CA PRO A 54 18.08 18.87 -1.34
C PRO A 54 16.89 18.55 -0.42
N SER A 55 16.23 19.60 0.06
CA SER A 55 15.18 19.45 1.04
C SER A 55 14.04 20.47 0.90
N ASN A 56 13.92 21.07 -0.28
CA ASN A 56 12.84 22.01 -0.55
C ASN A 56 11.57 21.33 -1.08
N TYR A 57 11.35 20.09 -0.66
CA TYR A 57 10.21 19.28 -1.12
C TYR A 57 9.98 18.13 -0.14
N LYS A 58 8.78 17.54 -0.17
CA LYS A 58 8.48 16.35 0.64
C LYS A 58 8.61 15.06 -0.17
N TYR A 59 9.54 14.19 0.24
CA TYR A 59 9.66 12.89 -0.40
C TYR A 59 8.46 11.99 -0.08
N VAL A 60 7.88 11.40 -1.12
CA VAL A 60 6.79 10.44 -1.00
C VAL A 60 7.08 9.32 -1.98
N SER A 61 6.80 8.09 -1.59
CA SER A 61 7.14 6.96 -2.45
C SER A 61 5.98 6.60 -3.35
N GLN A 62 4.79 7.07 -2.98
CA GLN A 62 3.60 6.92 -3.82
C GLN A 62 2.90 8.22 -4.10
N ASN A 63 1.97 8.18 -5.06
CA ASN A 63 1.26 9.38 -5.49
C ASN A 63 0.25 9.89 -4.47
N CYS A 64 0.15 11.20 -4.34
CA CYS A 64 -0.85 11.81 -3.47
C CYS A 64 -1.65 12.88 -4.17
N VAL A 65 -2.70 13.35 -3.50
CA VAL A 65 -3.53 14.41 -4.01
C VAL A 65 -3.55 15.53 -2.99
N THR A 66 -3.83 16.74 -3.46
CA THR A 66 -4.08 17.84 -2.56
C THR A 66 -5.56 18.22 -2.70
N SER A 67 -6.02 18.42 -3.92
CA SER A 67 -7.46 18.49 -4.15
C SER A 67 -8.02 17.09 -4.42
N PRO A 68 -9.17 16.78 -3.79
CA PRO A 68 -9.86 15.48 -3.95
C PRO A 68 -10.12 15.12 -5.42
N MET A 69 -9.75 13.89 -5.80
CA MET A 69 -9.97 13.37 -7.15
C MET A 69 -10.84 12.12 -7.07
N ASN A 70 -11.94 12.06 -7.82
CA ASN A 70 -12.83 10.90 -7.70
C ASN A 70 -12.35 9.60 -8.38
N ILE A 71 -11.12 9.21 -8.05
CA ILE A 71 -10.55 7.92 -8.48
C ILE A 71 -11.50 6.76 -8.21
N ASP A 72 -11.65 5.87 -9.20
CA ASP A 72 -12.59 4.76 -9.11
C ASP A 72 -11.97 3.54 -8.45
N ARG A 73 -12.04 3.49 -7.12
CA ARG A 73 -11.50 2.35 -6.40
C ARG A 73 -12.57 1.29 -6.10
N ASN A 74 -13.63 1.27 -6.90
CA ASN A 74 -14.69 0.30 -6.72
C ASN A 74 -14.27 -1.07 -7.24
N ILE A 75 -14.05 -1.99 -6.33
CA ILE A 75 -13.41 -3.26 -6.67
C ILE A 75 -14.13 -4.04 -7.78
N THR A 76 -15.46 -3.97 -7.79
CA THR A 76 -16.26 -4.70 -8.77
C THR A 76 -16.07 -4.15 -10.19
N HIS A 77 -15.28 -3.09 -10.31
CA HIS A 77 -15.06 -2.43 -11.60
C HIS A 77 -13.71 -2.81 -12.19
N LEU A 78 -13.06 -3.81 -11.60
CA LEU A 78 -11.76 -4.21 -12.12
C LEU A 78 -11.90 -5.35 -13.08
N GLN A 79 -11.21 -5.23 -14.21
CA GLN A 79 -10.94 -6.37 -15.05
C GLN A 79 -9.86 -7.22 -14.36
N TYR A 80 -10.01 -8.54 -14.38
CA TYR A 80 -9.06 -9.41 -13.69
C TYR A 80 -9.02 -10.82 -14.27
N CYS A 81 -7.92 -11.53 -14.03
CA CYS A 81 -7.71 -12.87 -14.58
C CYS A 81 -8.09 -13.93 -13.55
N VAL A 82 -8.30 -15.15 -14.02
CA VAL A 82 -8.62 -16.25 -13.10
C VAL A 82 -7.64 -17.40 -13.24
N CYS A 83 -6.45 -17.07 -13.71
CA CYS A 83 -5.43 -18.04 -14.04
C CYS A 83 -5.15 -19.05 -12.94
N ILE A 84 -5.37 -20.32 -13.25
CA ILE A 84 -4.98 -21.39 -12.36
C ILE A 84 -3.46 -21.65 -12.46
N ASP A 85 -2.79 -20.89 -13.32
CA ASP A 85 -1.34 -20.93 -13.40
C ASP A 85 -0.75 -19.62 -12.86
N ASP A 86 0.48 -19.33 -13.29
CA ASP A 86 1.18 -18.11 -12.89
C ASP A 86 1.07 -16.97 -13.93
N CYS A 87 0.01 -17.03 -14.74
CA CYS A 87 -0.21 -16.02 -15.76
C CYS A 87 0.93 -15.99 -16.77
N SER A 88 1.45 -17.18 -17.05
CA SER A 88 2.29 -17.43 -18.21
C SER A 88 1.39 -17.84 -19.37
N SER A 89 0.22 -18.38 -19.04
CA SER A 89 -0.72 -18.88 -20.03
C SER A 89 -1.08 -17.86 -21.10
N SER A 90 -1.44 -18.36 -22.28
CA SER A 90 -1.92 -17.49 -23.34
C SER A 90 -3.32 -17.01 -23.02
N ASN A 91 -3.85 -17.40 -21.86
CA ASN A 91 -5.23 -17.06 -21.47
C ASN A 91 -5.40 -15.98 -20.38
N CYS A 92 -4.29 -15.51 -19.80
CA CYS A 92 -4.33 -14.48 -18.76
C CYS A 92 -5.03 -13.21 -19.25
N MET A 93 -6.12 -12.84 -18.60
CA MET A 93 -6.90 -11.69 -19.03
C MET A 93 -6.11 -10.39 -18.99
N CYS A 94 -5.30 -10.23 -17.94
CA CYS A 94 -4.59 -8.99 -17.73
C CYS A 94 -3.50 -8.85 -18.78
N GLY A 95 -3.03 -9.98 -19.28
CA GLY A 95 -2.02 -10.00 -20.31
C GLY A 95 -2.66 -9.61 -21.61
N GLN A 96 -3.92 -9.99 -21.75
CA GLN A 96 -4.68 -9.61 -22.92
C GLN A 96 -4.90 -8.11 -22.93
N LEU A 97 -5.13 -7.54 -21.75
CA LEU A 97 -5.38 -6.11 -21.66
C LEU A 97 -4.12 -5.33 -22.02
N SER A 98 -2.96 -5.97 -21.90
CA SER A 98 -1.69 -5.34 -22.30
C SER A 98 -1.31 -5.84 -23.69
N MET A 99 -2.28 -6.44 -24.37
CA MET A 99 -2.08 -7.12 -25.64
C MET A 99 -1.41 -8.47 -25.41
N ARG A 100 -0.25 -8.43 -24.76
CA ARG A 100 0.30 -9.64 -24.18
C ARG A 100 0.96 -9.26 -22.88
N CYS A 101 1.37 -10.26 -22.12
CA CYS A 101 2.22 -10.01 -20.98
C CYS A 101 3.62 -9.80 -21.54
N TRP A 102 4.26 -8.69 -21.21
CA TRP A 102 5.57 -8.38 -21.78
C TRP A 102 6.75 -8.68 -20.85
N TYR A 103 6.44 -9.18 -19.67
CA TYR A 103 7.46 -9.53 -18.68
C TYR A 103 7.98 -10.94 -18.90
N ASP A 104 9.31 -11.06 -18.96
CA ASP A 104 9.95 -12.37 -19.02
C ASP A 104 9.83 -13.04 -17.65
N LYS A 105 10.49 -14.18 -17.47
CA LYS A 105 10.37 -14.94 -16.23
C LYS A 105 10.93 -14.23 -14.97
N ASP A 106 11.93 -13.36 -15.15
CA ASP A 106 12.43 -12.55 -14.02
C ASP A 106 12.06 -11.07 -14.18
N GLY A 107 10.86 -10.84 -14.71
CA GLY A 107 10.24 -9.53 -14.75
C GLY A 107 10.93 -8.46 -15.59
N ARG A 108 11.74 -8.88 -16.56
CA ARG A 108 12.30 -7.92 -17.51
C ARG A 108 11.42 -7.92 -18.74
N LEU A 109 11.44 -6.81 -19.47
CA LEU A 109 10.62 -6.71 -20.67
C LEU A 109 11.21 -7.55 -21.78
N LEU A 110 10.33 -8.08 -22.62
CA LEU A 110 10.75 -8.86 -23.77
C LEU A 110 11.43 -7.97 -24.81
N PRO A 111 12.24 -8.59 -25.67
CA PRO A 111 12.89 -7.84 -26.73
C PRO A 111 11.90 -7.36 -27.78
N GLU A 112 10.77 -8.06 -27.90
CA GLU A 112 9.74 -7.68 -28.87
C GLU A 112 8.82 -6.57 -28.37
N PHE A 113 9.12 -6.05 -27.18
CA PHE A 113 8.37 -4.94 -26.62
C PHE A 113 8.76 -3.66 -27.30
N ASN A 114 7.76 -2.89 -27.72
CA ASN A 114 7.99 -1.70 -28.52
C ASN A 114 8.30 -0.42 -27.73
N MET A 115 9.60 -0.16 -27.53
CA MET A 115 10.06 1.00 -26.77
C MET A 115 9.66 2.33 -27.39
N ALA A 116 9.17 2.30 -28.63
CA ALA A 116 8.85 3.53 -29.35
C ALA A 116 7.38 3.88 -29.21
N GLU A 117 6.51 2.88 -29.28
CA GLU A 117 5.11 3.06 -28.92
C GLU A 117 4.76 2.10 -27.82
N PRO A 118 5.26 2.37 -26.61
CA PRO A 118 4.96 1.47 -25.49
C PRO A 118 3.46 1.30 -25.34
N PRO A 119 3.03 0.06 -25.16
CA PRO A 119 1.61 -0.20 -24.90
C PRO A 119 1.22 0.07 -23.45
N LEU A 120 -0.08 0.07 -23.19
CA LEU A 120 -0.54 0.16 -21.81
C LEU A 120 -0.32 -1.17 -21.13
N ILE A 121 0.32 -1.15 -19.97
CA ILE A 121 0.50 -2.38 -19.19
C ILE A 121 -0.47 -2.54 -18.02
N PHE A 122 -1.24 -3.61 -18.04
CA PHE A 122 -2.14 -3.94 -16.92
C PHE A 122 -1.59 -5.09 -16.12
N GLU A 123 -1.07 -4.79 -14.92
CA GLU A 123 -0.55 -5.80 -14.03
C GLU A 123 -1.69 -6.51 -13.29
N CYS A 124 -1.44 -7.73 -12.84
CA CYS A 124 -2.48 -8.46 -12.11
C CYS A 124 -2.74 -7.71 -10.81
N ASN A 125 -3.92 -7.91 -10.23
CA ASN A 125 -4.34 -7.11 -9.10
C ASN A 125 -4.99 -7.99 -8.06
N HIS A 126 -5.59 -7.41 -7.02
CA HIS A 126 -6.06 -8.22 -5.89
C HIS A 126 -7.39 -8.92 -6.17
N ALA A 127 -8.02 -8.56 -7.29
CA ALA A 127 -9.23 -9.25 -7.74
C ALA A 127 -8.92 -10.56 -8.50
N CYS A 128 -7.82 -10.56 -9.25
CA CYS A 128 -7.34 -11.77 -9.91
C CYS A 128 -7.28 -12.94 -8.94
N SER A 129 -7.39 -14.15 -9.47
CA SER A 129 -7.38 -15.36 -8.66
C SER A 129 -5.96 -15.83 -8.45
N CYS A 130 -5.04 -15.20 -9.17
CA CYS A 130 -3.64 -15.58 -9.13
C CYS A 130 -2.93 -15.26 -7.80
N TRP A 131 -1.72 -15.78 -7.64
CA TRP A 131 -0.91 -15.61 -6.44
C TRP A 131 -0.14 -14.31 -6.52
N ARG A 132 0.13 -13.69 -5.37
CA ARG A 132 0.85 -12.42 -5.30
C ARG A 132 2.15 -12.46 -6.09
N ASN A 133 2.61 -13.64 -6.44
CA ASN A 133 3.85 -13.76 -7.20
C ASN A 133 3.69 -14.30 -8.62
N CYS A 134 2.51 -14.17 -9.20
CA CYS A 134 2.33 -14.48 -10.60
C CYS A 134 3.31 -13.64 -11.42
N ARG A 135 3.52 -14.02 -12.67
CA ARG A 135 4.50 -13.34 -13.55
C ARG A 135 4.19 -11.89 -13.92
N ASN A 136 2.92 -11.53 -13.80
CA ASN A 136 2.43 -10.25 -14.28
C ASN A 136 2.41 -9.20 -13.18
N ARG A 137 3.48 -9.16 -12.40
CA ARG A 137 3.59 -8.21 -11.30
C ARG A 137 5.03 -7.80 -11.24
N VAL A 138 5.29 -6.51 -11.39
CA VAL A 138 6.66 -6.03 -11.45
C VAL A 138 6.81 -4.65 -10.85
N VAL A 139 6.21 -3.68 -11.52
CA VAL A 139 6.18 -2.32 -10.99
C VAL A 139 5.70 -2.34 -9.56
N GLN A 140 4.74 -3.21 -9.28
CA GLN A 140 4.05 -3.19 -8.01
C GLN A 140 4.89 -3.75 -6.88
N ASN A 141 6.05 -4.29 -7.23
CA ASN A 141 6.92 -4.98 -6.29
C ASN A 141 7.99 -4.05 -5.75
N GLY A 142 7.81 -2.77 -6.02
CA GLY A 142 8.65 -1.76 -5.44
C GLY A 142 9.94 -1.64 -6.19
N LEU A 143 10.78 -0.73 -5.70
CA LEU A 143 12.05 -0.40 -6.30
C LEU A 143 13.03 -1.54 -6.10
N ARG A 144 13.69 -1.97 -7.17
CA ARG A 144 14.58 -3.12 -7.08
C ARG A 144 16.02 -2.84 -7.48
N ALA A 145 16.30 -1.59 -7.81
CA ALA A 145 17.62 -1.23 -8.32
C ALA A 145 18.36 -0.32 -7.34
N ARG A 146 19.65 -0.58 -7.13
CA ARG A 146 20.45 0.30 -6.30
C ARG A 146 20.77 1.54 -7.10
N LEU A 147 20.12 2.65 -6.76
CA LEU A 147 20.43 3.92 -7.40
C LEU A 147 20.87 4.90 -6.35
N GLN A 148 21.18 6.12 -6.80
CA GLN A 148 21.73 7.16 -5.95
C GLN A 148 21.57 8.52 -6.59
N LEU A 149 21.31 9.51 -5.74
CA LEU A 149 21.16 10.91 -6.12
C LEU A 149 22.46 11.64 -5.90
N TYR A 150 22.89 12.42 -6.87
CA TYR A 150 24.21 13.04 -6.79
C TYR A 150 24.27 14.32 -7.57
N ARG A 151 25.30 15.12 -7.27
CA ARG A 151 25.47 16.44 -7.87
C ARG A 151 26.27 16.31 -9.14
N THR A 152 25.79 16.98 -10.20
CA THR A 152 26.45 16.96 -11.50
C THR A 152 27.05 18.33 -11.79
N ARG A 153 28.08 18.35 -12.62
CA ARG A 153 28.76 19.60 -12.97
C ARG A 153 27.90 20.54 -13.80
N ASP A 154 27.00 19.99 -14.60
CA ASP A 154 26.33 20.77 -15.63
C ASP A 154 24.82 21.01 -15.41
N MET A 155 24.14 20.11 -14.70
CA MET A 155 22.68 20.18 -14.59
C MET A 155 22.16 20.20 -13.15
N GLY A 156 23.03 20.46 -12.19
CA GLY A 156 22.62 20.43 -10.81
C GLY A 156 22.45 18.99 -10.32
N TRP A 157 21.27 18.68 -9.81
CA TRP A 157 21.05 17.36 -9.24
C TRP A 157 20.73 16.34 -10.33
N GLY A 158 21.10 15.09 -10.07
CA GLY A 158 20.88 14.01 -11.01
C GLY A 158 20.82 12.65 -10.34
N VAL A 159 20.24 11.68 -11.01
CA VAL A 159 20.15 10.35 -10.43
C VAL A 159 21.00 9.41 -11.24
N ARG A 160 21.71 8.52 -10.57
CA ARG A 160 22.58 7.58 -11.27
C ARG A 160 22.57 6.25 -10.56
N SER A 161 22.92 5.20 -11.30
CA SER A 161 22.88 3.82 -10.82
C SER A 161 24.21 3.36 -10.24
N LEU A 162 24.18 2.36 -9.37
CA LEU A 162 25.38 1.86 -8.72
C LEU A 162 25.59 0.41 -9.08
N GLN A 163 24.75 -0.10 -9.97
CA GLN A 163 24.87 -1.47 -10.43
C GLN A 163 24.62 -1.52 -11.92
N ASP A 164 24.93 -2.65 -12.53
CA ASP A 164 24.54 -2.87 -13.90
C ASP A 164 23.06 -3.15 -13.93
N ILE A 165 22.37 -2.61 -14.91
CA ILE A 165 20.95 -2.86 -15.06
C ILE A 165 20.69 -3.36 -16.48
N PRO A 166 20.25 -4.62 -16.60
CA PRO A 166 19.94 -5.15 -17.93
C PRO A 166 18.85 -4.34 -18.62
N PRO A 167 18.64 -4.57 -19.92
CA PRO A 167 17.56 -3.86 -20.60
C PRO A 167 16.22 -4.45 -20.19
N GLY A 168 15.17 -3.63 -20.27
CA GLY A 168 13.83 -4.07 -19.96
C GLY A 168 13.56 -4.15 -18.48
N THR A 169 14.44 -3.52 -17.69
CA THR A 169 14.30 -3.57 -16.24
C THR A 169 13.53 -2.39 -15.71
N PHE A 170 12.50 -2.67 -14.91
CA PHE A 170 11.76 -1.63 -14.23
C PHE A 170 12.67 -0.94 -13.24
N VAL A 171 13.11 0.26 -13.58
CA VAL A 171 14.02 1.03 -12.74
C VAL A 171 13.32 1.76 -11.58
N CYS A 172 12.41 2.66 -11.91
CA CYS A 172 11.62 3.33 -10.90
C CYS A 172 10.36 3.97 -11.51
N GLU A 173 9.52 4.53 -10.65
CA GLU A 173 8.28 5.10 -11.11
C GLU A 173 8.31 6.62 -10.96
N TYR A 174 7.63 7.35 -11.83
CA TYR A 174 7.44 8.79 -11.62
C TYR A 174 6.27 9.04 -10.70
N VAL A 175 6.59 9.20 -9.42
CA VAL A 175 5.61 9.45 -8.39
C VAL A 175 5.55 10.94 -8.07
N GLY A 176 4.34 11.45 -7.87
CA GLY A 176 4.19 12.86 -7.54
C GLY A 176 2.83 13.21 -6.96
N GLU A 177 2.32 14.37 -7.33
CA GLU A 177 1.06 14.83 -6.79
C GLU A 177 0.07 14.99 -7.92
N LEU A 178 -1.03 14.26 -7.82
CA LEU A 178 -2.05 14.30 -8.87
C LEU A 178 -2.74 15.63 -8.90
N ILE A 179 -2.70 16.28 -10.06
CA ILE A 179 -3.40 17.54 -10.26
C ILE A 179 -4.02 17.61 -11.65
N SER A 180 -5.04 18.45 -11.80
CA SER A 180 -5.72 18.61 -13.08
C SER A 180 -4.90 19.43 -14.04
N ASP A 181 -5.07 19.12 -15.32
CA ASP A 181 -4.64 19.97 -16.42
C ASP A 181 -4.65 21.45 -16.02
N SER A 182 -5.85 21.92 -15.64
CA SER A 182 -6.06 23.32 -15.23
C SER A 182 -5.03 23.78 -14.21
N GLU A 183 -5.07 23.18 -13.02
CA GLU A 183 -4.13 23.54 -11.96
C GLU A 183 -2.68 23.50 -12.47
N ALA A 184 -2.41 22.65 -13.45
CA ALA A 184 -1.08 22.54 -14.01
C ALA A 184 -0.63 23.88 -14.59
N ASP A 185 -1.51 24.50 -15.38
CA ASP A 185 -1.18 25.75 -16.07
C ASP A 185 -0.95 26.92 -15.12
N VAL A 186 -1.52 26.84 -13.92
CA VAL A 186 -1.44 27.95 -12.97
C VAL A 186 -0.26 27.86 -11.99
N ARG A 187 0.63 26.89 -12.16
CA ARG A 187 1.74 26.75 -11.23
C ARG A 187 3.03 27.34 -11.79
N GLU A 188 3.72 28.12 -10.97
CA GLU A 188 4.93 28.82 -11.41
C GLU A 188 6.14 27.90 -11.52
N GLU A 189 5.95 26.62 -11.27
CA GLU A 189 7.06 25.68 -11.41
C GLU A 189 6.73 24.47 -12.30
N ASP A 190 6.97 24.64 -13.60
CA ASP A 190 6.70 23.60 -14.59
C ASP A 190 7.90 22.70 -14.85
N SER A 191 8.90 22.77 -13.97
CA SER A 191 10.12 22.00 -14.15
C SER A 191 9.97 20.58 -13.63
N TYR A 192 8.82 20.29 -13.03
CA TYR A 192 8.67 19.01 -12.36
C TYR A 192 7.37 18.30 -12.70
N LEU A 193 6.66 18.81 -13.70
CA LEU A 193 5.40 18.22 -14.12
C LEU A 193 5.61 17.10 -15.12
N PHE A 194 4.69 16.14 -15.14
CA PHE A 194 4.75 15.05 -16.09
C PHE A 194 3.35 14.84 -16.61
N ASP A 195 3.19 14.92 -17.92
CA ASP A 195 1.88 14.89 -18.53
C ASP A 195 1.38 13.47 -18.63
N LEU A 196 0.11 13.32 -18.29
CA LEU A 196 -0.52 12.02 -18.15
C LEU A 196 -1.73 11.99 -19.08
N ASP A 197 -1.47 12.10 -20.37
CA ASP A 197 -2.53 12.33 -21.36
C ASP A 197 -3.57 11.21 -21.54
N ASN A 198 -4.60 11.20 -20.69
CA ASN A 198 -5.81 10.46 -21.05
C ASN A 198 -6.41 11.13 -22.29
N LYS A 199 -6.46 10.37 -23.38
CA LYS A 199 -7.09 10.85 -24.60
C LYS A 199 -8.62 11.00 -24.42
N ASP A 200 -9.25 9.98 -23.85
CA ASP A 200 -10.71 9.87 -23.76
C ASP A 200 -11.41 10.68 -22.64
N GLY A 201 -10.78 11.76 -22.18
CA GLY A 201 -11.42 12.69 -21.27
C GLY A 201 -10.50 13.83 -20.82
N GLU A 202 -10.62 14.19 -19.55
CA GLU A 202 -9.70 15.14 -18.93
C GLU A 202 -8.27 14.59 -18.87
N VAL A 203 -7.32 15.47 -19.15
CA VAL A 203 -5.91 15.16 -19.05
C VAL A 203 -5.40 15.59 -17.69
N TYR A 204 -4.60 14.73 -17.06
CA TYR A 204 -4.07 14.99 -15.73
C TYR A 204 -2.54 15.08 -15.67
N CYS A 205 -2.02 15.53 -14.53
CA CYS A 205 -0.59 15.72 -14.35
C CYS A 205 -0.07 15.21 -13.02
N ILE A 206 1.23 14.87 -13.03
CA ILE A 206 1.96 14.58 -11.81
C ILE A 206 2.92 15.71 -11.52
N ASP A 207 2.60 16.56 -10.54
CA ASP A 207 3.52 17.62 -10.13
C ASP A 207 4.40 17.14 -8.98
N ALA A 208 5.67 16.94 -9.30
CA ALA A 208 6.64 16.42 -8.36
C ALA A 208 7.54 17.53 -7.84
N ARG A 209 7.02 18.75 -7.84
CA ARG A 209 7.75 19.90 -7.28
C ARG A 209 7.69 19.94 -5.75
N PHE A 210 6.49 19.76 -5.20
CA PHE A 210 6.30 19.85 -3.75
C PHE A 210 6.37 18.52 -3.05
N TYR A 211 5.66 17.52 -3.60
CA TYR A 211 5.77 16.14 -3.16
C TYR A 211 6.30 15.32 -4.33
N GLY A 212 7.27 14.45 -4.08
CA GLY A 212 7.75 13.55 -5.11
C GLY A 212 8.79 12.55 -4.65
N ASN A 213 8.97 11.49 -5.40
CA ASN A 213 10.00 10.53 -5.07
C ASN A 213 11.28 10.89 -5.82
N VAL A 214 12.16 9.91 -6.00
CA VAL A 214 13.46 10.18 -6.61
C VAL A 214 13.42 10.62 -8.08
N SER A 215 12.40 10.21 -8.81
CA SER A 215 12.35 10.47 -10.25
C SER A 215 12.24 11.95 -10.59
N ARG A 216 11.91 12.77 -9.59
CA ARG A 216 11.82 14.20 -9.84
C ARG A 216 13.17 14.75 -10.26
N PHE A 217 14.24 14.06 -9.84
CA PHE A 217 15.62 14.49 -10.09
C PHE A 217 16.24 13.93 -11.36
N ILE A 218 15.56 13.01 -12.04
CA ILE A 218 16.09 12.43 -13.28
C ILE A 218 16.08 13.44 -14.42
N ASN A 219 17.24 13.61 -15.05
CA ASN A 219 17.44 14.63 -16.07
C ASN A 219 17.09 14.18 -17.50
N HIS A 220 16.99 15.13 -18.43
CA HIS A 220 16.74 14.79 -19.82
C HIS A 220 18.02 14.46 -20.56
N HIS A 221 17.99 13.36 -21.29
CA HIS A 221 19.07 13.00 -22.16
C HIS A 221 18.47 12.56 -23.48
N CYS A 222 19.13 12.94 -24.58
CA CYS A 222 18.62 12.70 -25.92
C CYS A 222 18.81 11.26 -26.43
N GLU A 223 19.73 10.52 -25.80
CA GLU A 223 19.98 9.10 -26.07
C GLU A 223 19.62 8.30 -24.81
N PRO A 224 18.37 8.45 -24.37
CA PRO A 224 17.92 8.02 -23.04
C PRO A 224 18.00 6.51 -22.80
N ASN A 225 18.63 6.12 -21.69
CA ASN A 225 18.60 4.74 -21.22
C ASN A 225 17.28 4.35 -20.55
N LEU A 226 16.36 5.30 -20.39
CA LEU A 226 15.07 5.04 -19.76
C LEU A 226 13.87 5.48 -20.59
N VAL A 227 12.80 4.69 -20.51
CA VAL A 227 11.58 5.01 -21.22
C VAL A 227 10.36 4.88 -20.28
N PRO A 228 9.51 5.91 -20.26
CA PRO A 228 8.29 5.85 -19.45
C PRO A 228 7.26 4.95 -20.08
N VAL A 229 6.61 4.13 -19.26
CA VAL A 229 5.56 3.22 -19.70
C VAL A 229 4.36 3.47 -18.82
N ARG A 230 3.17 3.57 -19.43
CA ARG A 230 1.94 3.77 -18.65
C ARG A 230 1.42 2.44 -18.09
N VAL A 231 1.29 2.38 -16.77
CA VAL A 231 1.02 1.12 -16.07
C VAL A 231 -0.14 1.18 -15.10
N PHE A 232 -0.99 0.16 -15.14
CA PHE A 232 -2.13 0.08 -14.23
C PHE A 232 -2.00 -1.11 -13.30
N MET A 233 -2.21 -0.87 -11.99
CA MET A 233 -2.06 -1.93 -11.01
C MET A 233 -3.29 -2.17 -10.12
N ALA A 234 -3.33 -1.52 -8.96
CA ALA A 234 -4.43 -1.64 -7.99
C ALA A 234 -5.77 -1.06 -8.47
N HIS A 235 -5.73 -0.24 -9.49
CA HIS A 235 -6.97 0.25 -10.07
C HIS A 235 -6.77 0.38 -11.57
N GLN A 236 -7.89 0.38 -12.29
CA GLN A 236 -7.87 0.55 -13.73
C GLN A 236 -8.75 1.73 -14.13
N ASP A 237 -8.55 2.85 -13.44
CA ASP A 237 -9.19 4.11 -13.78
C ASP A 237 -8.29 4.83 -14.75
N LEU A 238 -8.67 4.76 -16.01
CA LEU A 238 -7.80 5.17 -17.11
C LEU A 238 -7.34 6.63 -17.05
N ARG A 239 -7.99 7.42 -16.22
CA ARG A 239 -7.69 8.83 -16.13
C ARG A 239 -6.32 9.01 -15.52
N PHE A 240 -5.96 8.03 -14.67
CA PHE A 240 -4.73 8.09 -13.88
C PHE A 240 -3.85 6.87 -14.08
N PRO A 241 -3.14 6.83 -15.21
CA PRO A 241 -2.10 5.81 -15.30
C PRO A 241 -1.01 6.06 -14.27
N ARG A 242 -0.15 5.09 -14.04
CA ARG A 242 1.06 5.36 -13.28
C ARG A 242 2.21 5.23 -14.23
N ILE A 243 3.26 6.00 -13.98
CA ILE A 243 4.36 6.12 -14.93
C ILE A 243 5.58 5.31 -14.50
N ALA A 244 5.87 4.25 -15.24
CA ALA A 244 6.96 3.35 -14.92
C ALA A 244 8.14 3.54 -15.86
N PHE A 245 9.34 3.69 -15.30
CA PHE A 245 10.56 3.76 -16.13
C PHE A 245 11.21 2.43 -16.25
N PHE A 246 11.34 1.94 -17.48
CA PHE A 246 12.10 0.74 -17.76
C PHE A 246 13.34 1.10 -18.58
N SER A 247 14.41 0.33 -18.39
CA SER A 247 15.66 0.53 -19.13
C SER A 247 15.57 0.05 -20.58
N THR A 248 16.14 0.85 -21.48
CA THR A 248 16.07 0.61 -22.92
C THR A 248 17.31 -0.16 -23.40
N ARG A 249 18.34 -0.17 -22.56
CA ARG A 249 19.57 -0.89 -22.85
C ARG A 249 20.25 -1.24 -21.53
N LEU A 250 21.42 -1.86 -21.61
CA LEU A 250 22.23 -2.08 -20.43
C LEU A 250 22.73 -0.75 -19.87
N ILE A 251 22.50 -0.57 -18.58
CA ILE A 251 23.01 0.59 -17.89
C ILE A 251 24.16 0.16 -17.00
N GLU A 252 25.36 0.55 -17.40
CA GLU A 252 26.56 0.25 -16.63
C GLU A 252 26.51 1.01 -15.31
N ALA A 253 27.19 0.45 -14.31
CA ALA A 253 27.27 1.10 -13.01
C ALA A 253 27.94 2.49 -13.07
N GLY A 254 27.35 3.46 -12.39
CA GLY A 254 27.88 4.82 -12.37
C GLY A 254 27.21 5.71 -13.41
N GLU A 255 26.52 5.08 -14.36
CA GLU A 255 25.91 5.82 -15.47
C GLU A 255 24.76 6.68 -14.95
N GLN A 256 24.68 7.93 -15.40
CA GLN A 256 23.53 8.75 -15.00
C GLN A 256 22.27 8.24 -15.70
N LEU A 257 21.17 8.25 -14.95
CA LEU A 257 19.84 7.99 -15.47
C LEU A 257 19.30 9.22 -16.18
N GLY A 258 18.64 8.97 -17.31
CA GLY A 258 18.04 10.05 -18.08
C GLY A 258 16.90 9.54 -18.93
N PHE A 259 15.96 10.41 -19.25
CA PHE A 259 14.90 10.06 -20.17
C PHE A 259 14.50 11.28 -20.97
N ASP A 260 13.93 11.05 -22.15
CA ASP A 260 13.47 12.12 -23.02
C ASP A 260 12.25 12.82 -22.42
N TYR A 261 12.35 14.12 -22.19
CA TYR A 261 11.20 14.89 -21.70
C TYR A 261 10.12 15.15 -22.76
N GLY A 262 10.50 15.12 -24.04
CA GLY A 262 9.58 15.44 -25.12
C GLY A 262 9.73 16.84 -25.71
N GLU A 263 8.91 17.17 -26.71
CA GLU A 263 8.97 18.49 -27.36
C GLU A 263 8.29 19.61 -26.54
N ARG A 264 7.10 19.35 -26.03
CA ARG A 264 6.40 20.37 -25.25
C ARG A 264 7.28 20.93 -24.13
N PHE A 265 8.15 20.09 -23.57
CA PHE A 265 9.07 20.60 -22.56
C PHE A 265 10.08 21.56 -23.14
N TRP A 266 10.63 21.22 -24.30
CA TRP A 266 11.64 22.07 -24.91
C TRP A 266 11.08 23.25 -25.71
N ASP A 267 9.86 23.11 -26.26
CA ASP A 267 9.19 24.23 -26.92
C ASP A 267 9.13 25.40 -25.95
N ILE A 268 9.06 25.05 -24.67
CA ILE A 268 8.82 26.01 -23.62
C ILE A 268 10.12 26.38 -22.89
N LYS A 269 10.70 25.41 -22.20
CA LYS A 269 11.92 25.67 -21.45
C LYS A 269 13.13 26.00 -22.35
N GLY A 270 13.14 25.43 -23.56
CA GLY A 270 14.20 25.70 -24.50
C GLY A 270 14.45 27.18 -24.76
N LYS A 271 13.39 27.97 -24.69
CA LYS A 271 13.49 29.42 -24.90
C LYS A 271 14.30 30.10 -23.80
N LEU A 272 14.76 29.32 -22.82
CA LEU A 272 15.42 29.88 -21.64
C LEU A 272 16.78 29.24 -21.34
N PHE A 273 16.99 28.03 -21.86
CA PHE A 273 18.26 27.35 -21.70
C PHE A 273 18.28 26.13 -22.60
N SER A 274 19.48 25.61 -22.84
CA SER A 274 19.64 24.54 -23.80
C SER A 274 20.08 23.24 -23.15
N CYS A 275 20.09 22.19 -23.96
CA CYS A 275 20.31 20.84 -23.47
C CYS A 275 21.78 20.46 -23.32
N ARG A 276 22.28 20.49 -22.09
CA ARG A 276 23.65 20.04 -21.83
C ARG A 276 23.72 18.53 -21.65
N CYS A 277 22.87 17.79 -22.36
CA CYS A 277 22.89 16.33 -22.31
C CYS A 277 24.21 15.76 -22.87
N GLY A 278 24.90 16.54 -23.69
CA GLY A 278 26.24 16.20 -24.16
C GLY A 278 26.34 15.14 -25.24
N SER A 279 25.20 14.66 -25.73
CA SER A 279 25.21 13.66 -26.79
C SER A 279 25.70 14.28 -28.09
N PRO A 280 26.33 13.45 -28.93
CA PRO A 280 26.60 13.80 -30.33
C PRO A 280 25.30 13.99 -31.13
N LYS A 281 24.26 13.22 -30.79
CA LYS A 281 22.99 13.33 -31.50
C LYS A 281 22.00 14.23 -30.76
N CYS A 282 22.53 15.17 -29.96
CA CYS A 282 21.71 16.04 -29.12
C CYS A 282 20.81 17.00 -29.91
N ARG A 283 19.50 16.88 -29.67
CA ARG A 283 18.48 17.55 -30.47
C ARG A 283 17.97 18.86 -29.90
N HIS A 284 18.51 19.30 -28.78
CA HIS A 284 17.98 20.47 -28.09
C HIS A 284 19.11 21.36 -27.56
N SER A 285 20.32 21.15 -28.05
CA SER A 285 21.48 21.94 -27.63
C SER A 285 21.39 23.39 -28.13
N THR B 3 2.23 25.48 -20.61
CA THR B 3 3.26 25.18 -19.60
C THR B 3 4.03 23.89 -19.92
N ALA B 4 5.27 23.81 -19.42
CA ALA B 4 6.21 22.76 -19.85
C ALA B 4 5.97 21.40 -19.20
N ARG B 5 5.54 20.43 -20.01
CA ARG B 5 5.21 19.10 -19.50
C ARG B 5 6.13 18.02 -20.07
N LYS B 6 6.68 17.19 -19.18
CA LYS B 6 7.38 15.96 -19.57
C LYS B 6 6.37 14.88 -19.98
N VAL B 7 6.68 14.08 -20.99
CA VAL B 7 5.88 12.90 -21.35
C VAL B 7 6.75 11.75 -21.84
N VAL C 25 -7.26 -37.17 10.95
CA VAL C 25 -5.86 -36.82 10.74
C VAL C 25 -5.72 -35.44 10.08
N GLU C 26 -4.87 -34.60 10.67
CA GLU C 26 -4.68 -33.20 10.23
C GLU C 26 -4.48 -33.08 8.71
N ARG C 27 -5.59 -32.85 8.01
CA ARG C 27 -5.57 -32.75 6.55
C ARG C 27 -5.44 -31.30 6.06
N ILE C 28 -4.32 -31.04 5.42
CA ILE C 28 -3.96 -29.74 4.84
C ILE C 28 -4.81 -29.37 3.60
N VAL C 29 -5.81 -28.51 3.78
CA VAL C 29 -6.73 -28.16 2.69
C VAL C 29 -6.41 -26.85 1.95
N SER C 30 -5.33 -26.19 2.36
CA SER C 30 -4.78 -25.02 1.64
C SER C 30 -3.44 -24.64 2.24
N ARG C 31 -2.44 -24.45 1.39
CA ARG C 31 -1.10 -24.14 1.89
C ARG C 31 -1.01 -22.68 2.32
N ASP C 32 -1.93 -21.86 1.79
CA ASP C 32 -2.02 -20.43 2.12
C ASP C 32 -3.32 -19.86 1.58
N ILE C 33 -4.26 -19.57 2.47
CA ILE C 33 -5.55 -19.05 2.08
C ILE C 33 -5.47 -17.62 1.55
N ALA C 34 -4.30 -17.00 1.72
CA ALA C 34 -4.05 -15.63 1.29
C ALA C 34 -3.35 -15.50 -0.08
N ARG C 35 -3.01 -16.63 -0.69
CA ARG C 35 -2.26 -16.68 -1.94
C ARG C 35 -1.13 -15.65 -1.98
N GLY C 36 -0.29 -15.66 -0.94
CA GLY C 36 0.92 -14.85 -0.90
C GLY C 36 0.75 -13.34 -0.70
N TYR C 37 -0.44 -12.92 -0.30
CA TYR C 37 -0.69 -11.51 -0.10
C TYR C 37 -0.28 -11.01 1.29
N GLU C 38 -0.06 -11.93 2.23
CA GLU C 38 0.39 -11.58 3.57
C GLU C 38 1.84 -11.99 3.75
N ARG C 39 2.52 -11.46 4.77
CA ARG C 39 3.96 -11.67 4.91
C ARG C 39 4.32 -13.11 5.21
N ILE C 40 3.54 -13.74 6.09
CA ILE C 40 3.69 -15.16 6.37
C ILE C 40 2.49 -15.85 5.74
N PRO C 41 2.57 -17.16 5.49
CA PRO C 41 1.38 -17.82 4.93
C PRO C 41 0.38 -18.21 6.00
N ILE C 42 -0.87 -18.36 5.59
CA ILE C 42 -1.90 -18.79 6.50
C ILE C 42 -2.52 -20.07 5.96
N PRO C 43 -2.03 -21.21 6.46
CA PRO C 43 -2.59 -22.48 6.01
C PRO C 43 -3.98 -22.70 6.61
N CYS C 44 -4.74 -23.57 5.95
CA CYS C 44 -6.02 -24.02 6.47
C CYS C 44 -5.94 -25.54 6.67
N VAL C 45 -6.52 -26.03 7.77
CA VAL C 45 -6.54 -27.46 8.06
C VAL C 45 -7.93 -27.90 8.51
N ASN C 46 -8.26 -29.15 8.25
CA ASN C 46 -9.54 -29.71 8.70
C ASN C 46 -9.39 -31.14 9.24
N ALA C 47 -9.14 -31.24 10.53
CA ALA C 47 -9.08 -32.53 11.19
C ALA C 47 -10.34 -32.76 12.04
N VAL C 48 -11.51 -32.46 11.48
CA VAL C 48 -12.76 -32.77 12.14
C VAL C 48 -13.82 -33.26 11.18
N ASP C 49 -13.77 -32.85 9.92
CA ASP C 49 -14.77 -33.32 8.97
C ASP C 49 -14.39 -33.24 7.49
N SER C 50 -15.42 -33.01 6.67
CA SER C 50 -15.37 -33.14 5.23
C SER C 50 -15.02 -31.84 4.49
N GLU C 51 -15.76 -30.78 4.84
CA GLU C 51 -15.57 -29.41 4.35
C GLU C 51 -14.22 -29.06 3.73
N PRO C 52 -14.25 -28.30 2.63
CA PRO C 52 -13.08 -27.72 1.95
C PRO C 52 -12.82 -26.27 2.35
N CYS C 53 -11.58 -25.84 2.10
CA CYS C 53 -11.18 -24.45 2.28
C CYS C 53 -12.27 -23.52 1.77
N PRO C 54 -12.86 -22.71 2.65
CA PRO C 54 -13.97 -21.81 2.28
C PRO C 54 -13.55 -20.90 1.12
N SER C 55 -14.48 -20.64 0.21
CA SER C 55 -14.14 -19.97 -1.04
C SER C 55 -15.29 -19.10 -1.47
N ASN C 56 -16.35 -19.13 -0.69
CA ASN C 56 -17.54 -18.34 -0.98
C ASN C 56 -17.31 -16.90 -0.58
N TYR C 57 -16.13 -16.39 -0.88
CA TYR C 57 -15.70 -15.08 -0.41
C TYR C 57 -14.34 -14.79 -1.04
N LYS C 58 -13.97 -13.51 -1.12
CA LYS C 58 -12.69 -13.14 -1.72
C LYS C 58 -11.75 -12.68 -0.62
N TYR C 59 -10.62 -13.37 -0.49
CA TYR C 59 -9.61 -12.92 0.46
C TYR C 59 -8.96 -11.64 -0.07
N VAL C 60 -9.03 -10.60 0.75
CA VAL C 60 -8.36 -9.32 0.51
C VAL C 60 -7.56 -8.95 1.75
N SER C 61 -6.37 -8.37 1.58
CA SER C 61 -5.52 -8.10 2.75
C SER C 61 -5.57 -6.65 3.20
N GLN C 62 -6.15 -5.80 2.37
CA GLN C 62 -6.45 -4.43 2.75
C GLN C 62 -7.95 -4.23 2.60
N ASN C 63 -8.51 -3.23 3.27
CA ASN C 63 -9.91 -2.89 3.08
C ASN C 63 -10.19 -2.47 1.63
N CYS C 64 -11.46 -2.50 1.25
CA CYS C 64 -11.88 -2.02 -0.08
C CYS C 64 -13.24 -1.35 -0.02
N VAL C 65 -13.76 -0.95 -1.19
CA VAL C 65 -15.10 -0.37 -1.31
C VAL C 65 -15.86 -0.97 -2.50
N THR C 66 -17.18 -0.85 -2.48
CA THR C 66 -18.00 -1.10 -3.68
C THR C 66 -18.63 0.19 -4.16
N SER C 67 -19.57 0.71 -3.38
CA SER C 67 -20.01 2.08 -3.61
C SER C 67 -18.96 2.98 -3.00
N PRO C 68 -18.69 4.13 -3.67
CA PRO C 68 -17.63 5.09 -3.36
C PRO C 68 -17.77 5.75 -1.98
N MET C 69 -16.65 5.79 -1.25
CA MET C 69 -16.56 6.49 0.03
C MET C 69 -15.64 7.70 -0.14
N ASN C 70 -15.99 8.82 0.49
CA ASN C 70 -15.25 10.09 0.32
C ASN C 70 -14.14 10.30 1.35
N ILE C 71 -13.46 9.22 1.70
CA ILE C 71 -12.40 9.28 2.70
C ILE C 71 -11.44 10.41 2.36
N ASP C 72 -11.06 11.19 3.37
CA ASP C 72 -10.24 12.36 3.08
C ASP C 72 -8.79 11.96 2.88
N ARG C 73 -8.43 11.77 1.61
CA ARG C 73 -7.07 11.39 1.25
C ARG C 73 -6.24 12.58 0.74
N ASN C 74 -6.50 13.76 1.31
CA ASN C 74 -5.75 14.96 1.01
C ASN C 74 -4.58 15.12 1.99
N ILE C 75 -3.36 14.96 1.47
CA ILE C 75 -2.15 14.95 2.29
C ILE C 75 -1.90 16.20 3.17
N THR C 76 -2.60 17.29 2.87
CA THR C 76 -2.36 18.56 3.58
C THR C 76 -3.25 18.68 4.81
N HIS C 77 -4.29 17.87 4.87
CA HIS C 77 -5.12 17.74 6.05
C HIS C 77 -4.51 16.73 7.04
N LEU C 78 -3.26 16.35 6.80
CA LEU C 78 -2.64 15.34 7.65
C LEU C 78 -1.88 15.98 8.79
N GLN C 79 -2.29 15.65 10.02
CA GLN C 79 -1.46 15.93 11.16
C GLN C 79 -0.22 15.05 11.13
N TYR C 80 0.93 15.60 11.52
CA TYR C 80 2.17 14.85 11.46
C TYR C 80 3.18 15.36 12.47
N CYS C 81 4.21 14.56 12.72
CA CYS C 81 5.25 14.96 13.66
C CYS C 81 6.49 15.37 12.87
N VAL C 82 7.51 15.83 13.58
CA VAL C 82 8.72 16.31 12.92
C VAL C 82 9.93 15.87 13.73
N CYS C 83 10.09 14.56 13.85
CA CYS C 83 11.07 14.04 14.81
C CYS C 83 12.44 13.73 14.21
N ILE C 84 13.48 14.13 14.95
CA ILE C 84 14.87 13.87 14.55
C ILE C 84 15.39 12.60 15.23
N ASP C 85 14.52 11.98 16.02
CA ASP C 85 14.81 10.69 16.65
C ASP C 85 13.91 9.62 16.03
N ASP C 86 13.59 8.59 16.81
CA ASP C 86 12.65 7.56 16.38
C ASP C 86 11.27 7.72 17.01
N CYS C 87 10.91 8.94 17.38
CA CYS C 87 9.61 9.24 17.94
C CYS C 87 9.42 8.53 19.26
N SER C 88 10.46 8.59 20.10
CA SER C 88 10.37 8.11 21.47
C SER C 88 10.30 9.30 22.41
N SER C 89 10.10 10.47 21.83
CA SER C 89 10.07 11.70 22.58
C SER C 89 8.65 12.05 22.94
N SER C 90 8.49 12.83 24.01
CA SER C 90 7.19 13.34 24.42
C SER C 90 6.80 14.50 23.50
N ASN C 91 7.61 14.68 22.45
CA ASN C 91 7.44 15.78 21.49
C ASN C 91 6.88 15.35 20.13
N CYS C 92 6.70 14.05 19.94
CA CYS C 92 6.10 13.53 18.71
C CYS C 92 4.60 13.89 18.65
N MET C 93 4.22 14.64 17.64
CA MET C 93 2.82 15.05 17.51
C MET C 93 1.91 13.84 17.45
N CYS C 94 2.43 12.77 16.86
CA CYS C 94 1.62 11.57 16.63
C CYS C 94 1.33 10.86 17.94
N GLY C 95 2.40 10.62 18.70
CA GLY C 95 2.27 10.08 20.04
C GLY C 95 1.27 10.88 20.86
N GLN C 96 1.34 12.20 20.71
CA GLN C 96 0.44 13.09 21.44
C GLN C 96 -1.03 12.89 21.10
N LEU C 97 -1.37 12.78 19.82
CA LEU C 97 -2.76 12.51 19.46
C LEU C 97 -3.21 11.14 19.99
N SER C 98 -2.28 10.18 20.05
CA SER C 98 -2.55 8.89 20.69
C SER C 98 -2.49 9.03 22.22
N MET C 99 -2.50 10.27 22.70
CA MET C 99 -2.19 10.62 24.09
C MET C 99 -0.70 10.46 24.38
N ARG C 100 -0.23 9.22 24.52
CA ARG C 100 1.21 8.95 24.49
C ARG C 100 1.48 7.84 23.49
N CYS C 101 2.74 7.60 23.18
CA CYS C 101 3.07 6.45 22.36
C CYS C 101 2.94 5.20 23.20
N TRP C 102 2.11 4.27 22.72
CA TRP C 102 1.79 3.07 23.48
C TRP C 102 2.74 1.93 23.13
N TYR C 103 3.55 2.13 22.11
CA TYR C 103 4.42 1.07 21.65
C TYR C 103 5.76 1.05 22.36
N ASP C 104 6.19 -0.13 22.79
CA ASP C 104 7.53 -0.30 23.30
C ASP C 104 8.50 -0.54 22.15
N LYS C 105 9.76 -0.75 22.49
CA LYS C 105 10.84 -0.89 21.51
C LYS C 105 10.56 -1.95 20.45
N ASP C 106 10.08 -3.12 20.86
CA ASP C 106 9.84 -4.20 19.90
C ASP C 106 8.39 -4.27 19.43
N GLY C 107 7.66 -3.16 19.59
CA GLY C 107 6.38 -2.98 18.95
C GLY C 107 5.15 -3.50 19.67
N ARG C 108 5.28 -3.80 20.95
CA ARG C 108 4.16 -4.29 21.70
C ARG C 108 3.63 -3.19 22.59
N LEU C 109 2.35 -3.24 22.90
CA LEU C 109 1.74 -2.25 23.74
C LEU C 109 2.44 -2.18 25.10
N LEU C 110 2.21 -1.10 25.83
CA LEU C 110 2.78 -0.94 27.16
C LEU C 110 1.78 -1.45 28.20
N PRO C 111 2.29 -1.93 29.35
CA PRO C 111 1.38 -2.50 30.36
C PRO C 111 0.30 -1.51 30.88
N GLU C 112 0.52 -0.21 30.71
CA GLU C 112 -0.45 0.76 31.21
C GLU C 112 -1.52 1.08 30.18
N PHE C 113 -1.34 0.54 28.98
CA PHE C 113 -2.34 0.65 27.94
C PHE C 113 -3.63 0.05 28.47
N ASN C 114 -4.71 0.82 28.45
CA ASN C 114 -5.97 0.38 29.07
C ASN C 114 -6.88 -0.43 28.18
N MET C 115 -6.79 -1.75 28.30
CA MET C 115 -7.52 -2.64 27.41
C MET C 115 -9.04 -2.76 27.66
N ALA C 116 -9.58 -2.01 28.61
CA ALA C 116 -11.04 -2.03 28.82
C ALA C 116 -11.72 -0.90 28.03
N GLU C 117 -11.09 0.27 28.01
CA GLU C 117 -11.48 1.38 27.12
C GLU C 117 -10.23 1.82 26.38
N PRO C 118 -9.87 1.10 25.31
CA PRO C 118 -8.65 1.47 24.61
C PRO C 118 -8.77 2.85 23.95
N PRO C 119 -7.64 3.55 23.87
CA PRO C 119 -7.57 4.85 23.20
C PRO C 119 -7.74 4.73 21.68
N LEU C 120 -7.50 5.84 20.99
CA LEU C 120 -7.41 5.87 19.55
C LEU C 120 -5.92 5.93 19.28
N ILE C 121 -5.45 5.14 18.33
CA ILE C 121 -4.01 5.11 18.06
C ILE C 121 -3.69 5.74 16.72
N PHE C 122 -2.82 6.73 16.78
CA PHE C 122 -2.41 7.48 15.60
C PHE C 122 -0.96 7.15 15.27
N GLU C 123 -0.78 6.25 14.31
CA GLU C 123 0.56 5.89 13.87
C GLU C 123 1.21 6.97 13.03
N CYS C 124 2.51 6.89 12.90
CA CYS C 124 3.22 7.81 12.03
C CYS C 124 2.86 7.51 10.57
N ASN C 125 2.96 8.53 9.74
CA ASN C 125 2.54 8.41 8.36
C ASN C 125 3.54 9.04 7.40
N HIS C 126 3.21 9.00 6.11
CA HIS C 126 4.10 9.53 5.07
C HIS C 126 4.31 11.05 5.12
N ALA C 127 3.54 11.73 5.97
CA ALA C 127 3.66 13.17 6.14
C ALA C 127 4.56 13.57 7.31
N CYS C 128 4.95 12.60 8.14
CA CYS C 128 5.92 12.82 9.22
C CYS C 128 7.35 12.90 8.74
N SER C 129 8.17 13.65 9.48
CA SER C 129 9.56 13.83 9.14
C SER C 129 10.37 12.63 9.61
N CYS C 130 9.77 11.82 10.47
CA CYS C 130 10.44 10.64 10.99
C CYS C 130 10.76 9.58 9.90
N TRP C 131 11.56 8.59 10.28
CA TRP C 131 11.90 7.51 9.36
C TRP C 131 10.84 6.41 9.37
N ARG C 132 10.88 5.58 8.32
CA ARG C 132 9.93 4.48 8.17
C ARG C 132 9.97 3.50 9.33
N ASN C 133 11.11 3.40 10.00
CA ASN C 133 11.33 2.42 11.05
C ASN C 133 11.14 2.99 12.45
N CYS C 134 10.51 4.16 12.56
CA CYS C 134 10.31 4.79 13.86
C CYS C 134 9.50 3.90 14.79
N ARG C 135 9.51 4.24 16.07
CA ARG C 135 8.78 3.49 17.07
C ARG C 135 7.27 3.46 16.82
N ASN C 136 6.71 4.60 16.43
CA ASN C 136 5.26 4.78 16.34
C ASN C 136 4.60 4.19 15.09
N ARG C 137 5.11 3.04 14.62
CA ARG C 137 4.58 2.38 13.44
C ARG C 137 4.50 0.89 13.75
N VAL C 138 3.34 0.28 13.55
CA VAL C 138 3.17 -1.11 13.94
C VAL C 138 2.11 -1.81 13.12
N VAL C 139 0.90 -1.29 13.16
CA VAL C 139 -0.16 -1.90 12.41
C VAL C 139 0.21 -1.83 10.95
N GLN C 140 0.81 -0.71 10.56
CA GLN C 140 1.10 -0.42 9.15
C GLN C 140 2.17 -1.32 8.57
N ASN C 141 2.71 -2.20 9.40
CA ASN C 141 3.73 -3.15 8.99
C ASN C 141 3.08 -4.50 8.75
N GLY C 142 1.76 -4.54 8.84
CA GLY C 142 1.04 -5.76 8.54
C GLY C 142 1.31 -6.89 9.53
N LEU C 143 0.92 -8.09 9.11
CA LEU C 143 0.87 -9.28 9.96
C LEU C 143 2.20 -10.02 10.18
N ARG C 144 2.43 -10.46 11.41
CA ARG C 144 3.72 -11.03 11.79
C ARG C 144 3.61 -12.40 12.46
N ALA C 145 2.41 -12.72 12.94
CA ALA C 145 2.17 -13.96 13.69
C ALA C 145 1.84 -15.16 12.79
N ARG C 146 2.48 -16.30 13.05
CA ARG C 146 2.20 -17.53 12.31
C ARG C 146 0.86 -18.14 12.72
N LEU C 147 -0.15 -17.94 11.89
CA LEU C 147 -1.51 -18.40 12.21
C LEU C 147 -2.01 -19.50 11.30
N GLN C 148 -3.17 -20.04 11.64
CA GLN C 148 -3.74 -21.16 10.94
C GLN C 148 -5.27 -21.14 11.03
N LEU C 149 -5.92 -21.09 9.87
CA LEU C 149 -7.36 -21.26 9.79
C LEU C 149 -7.63 -22.75 10.00
N TYR C 150 -8.55 -23.09 10.89
CA TYR C 150 -8.77 -24.50 11.18
C TYR C 150 -10.24 -24.78 11.45
N ARG C 151 -10.61 -26.04 11.28
CA ARG C 151 -11.99 -26.44 11.48
C ARG C 151 -12.16 -26.84 12.93
N THR C 152 -13.07 -26.13 13.61
CA THR C 152 -13.43 -26.41 14.99
C THR C 152 -14.66 -27.31 15.01
N ARG C 153 -14.94 -27.91 16.17
CA ARG C 153 -16.10 -28.78 16.33
C ARG C 153 -17.42 -28.00 16.47
N ASP C 154 -17.48 -27.08 17.42
CA ASP C 154 -18.74 -26.40 17.75
C ASP C 154 -19.07 -25.11 16.94
N MET C 155 -18.07 -24.49 16.33
CA MET C 155 -18.21 -23.12 15.77
C MET C 155 -17.88 -23.03 14.27
N GLY C 156 -17.57 -24.17 13.68
CA GLY C 156 -17.25 -24.19 12.26
C GLY C 156 -15.80 -23.82 12.13
N TRP C 157 -15.47 -22.88 11.23
CA TRP C 157 -14.08 -22.47 11.07
C TRP C 157 -13.63 -21.57 12.21
N GLY C 158 -12.34 -21.65 12.50
CA GLY C 158 -11.73 -20.82 13.50
C GLY C 158 -10.31 -20.42 13.12
N VAL C 159 -9.81 -19.37 13.76
CA VAL C 159 -8.42 -18.98 13.57
C VAL C 159 -7.69 -19.29 14.87
N ARG C 160 -6.43 -19.70 14.76
CA ARG C 160 -5.62 -20.03 15.91
C ARG C 160 -4.19 -19.75 15.57
N SER C 161 -3.34 -19.75 16.59
CA SER C 161 -1.93 -19.40 16.42
C SER C 161 -1.04 -20.63 16.41
N LEU C 162 0.04 -20.57 15.64
CA LEU C 162 1.00 -21.67 15.63
C LEU C 162 2.26 -21.33 16.42
N GLN C 163 2.24 -20.17 17.08
CA GLN C 163 3.37 -19.70 17.86
C GLN C 163 2.87 -19.04 19.13
N ASP C 164 3.79 -18.68 20.03
CA ASP C 164 3.37 -18.02 21.25
C ASP C 164 3.31 -16.52 21.00
N ILE C 165 2.25 -15.88 21.47
CA ILE C 165 2.09 -14.44 21.27
C ILE C 165 2.09 -13.76 22.61
N PRO C 166 3.14 -12.97 22.87
CA PRO C 166 3.24 -12.17 24.09
C PRO C 166 2.09 -11.20 24.19
N PRO C 167 1.81 -10.71 25.40
CA PRO C 167 0.78 -9.69 25.59
C PRO C 167 1.05 -8.42 24.78
N GLY C 168 -0.01 -7.78 24.31
CA GLY C 168 0.08 -6.51 23.62
C GLY C 168 0.68 -6.59 22.23
N THR C 169 0.64 -7.78 21.62
CA THR C 169 1.15 -7.92 20.28
C THR C 169 0.02 -7.72 19.28
N PHE C 170 0.38 -7.19 18.10
CA PHE C 170 -0.57 -6.97 17.03
C PHE C 170 -0.71 -8.24 16.19
N VAL C 171 -1.88 -8.86 16.31
CA VAL C 171 -2.17 -10.11 15.61
C VAL C 171 -2.65 -9.86 14.17
N CYS C 172 -3.68 -9.06 14.01
CA CYS C 172 -4.17 -8.76 12.66
C CYS C 172 -5.23 -7.67 12.64
N GLU C 173 -5.62 -7.28 11.44
CA GLU C 173 -6.60 -6.23 11.28
C GLU C 173 -7.93 -6.78 10.74
N TYR C 174 -9.04 -6.30 11.27
CA TYR C 174 -10.33 -6.75 10.76
C TYR C 174 -10.60 -6.08 9.44
N VAL C 175 -10.34 -6.82 8.37
CA VAL C 175 -10.32 -6.20 7.05
C VAL C 175 -11.54 -6.62 6.24
N GLY C 176 -12.08 -5.69 5.48
CA GLY C 176 -13.23 -5.99 4.66
C GLY C 176 -13.68 -4.84 3.77
N GLU C 177 -14.99 -4.79 3.56
CA GLU C 177 -15.60 -3.85 2.67
C GLU C 177 -16.23 -2.69 3.48
N LEU C 178 -15.79 -1.47 3.21
CA LEU C 178 -16.45 -0.30 3.78
C LEU C 178 -17.86 -0.16 3.24
N ILE C 179 -18.82 -0.05 4.15
CA ILE C 179 -20.20 0.16 3.75
C ILE C 179 -20.89 1.06 4.76
N SER C 180 -21.93 1.74 4.28
CA SER C 180 -22.70 2.64 5.12
C SER C 180 -23.51 1.86 6.13
N ASP C 181 -24.20 2.58 6.99
CA ASP C 181 -25.10 2.01 7.98
C ASP C 181 -26.33 1.36 7.30
N SER C 182 -26.93 2.10 6.36
CA SER C 182 -28.11 1.68 5.62
C SER C 182 -27.83 0.49 4.70
N GLU C 183 -26.60 0.41 4.22
CA GLU C 183 -26.19 -0.69 3.38
C GLU C 183 -26.15 -1.96 4.21
N ALA C 184 -25.71 -1.82 5.45
CA ALA C 184 -25.54 -2.92 6.38
C ALA C 184 -26.86 -3.60 6.67
N ASP C 185 -27.88 -2.79 6.97
CA ASP C 185 -29.19 -3.31 7.34
C ASP C 185 -29.83 -4.12 6.22
N VAL C 186 -29.53 -3.75 4.97
CA VAL C 186 -30.16 -4.39 3.82
C VAL C 186 -29.37 -5.58 3.24
N ARG C 187 -28.60 -6.27 4.07
CA ARG C 187 -27.85 -7.42 3.60
C ARG C 187 -28.32 -8.72 4.24
N GLU C 188 -28.39 -9.78 3.43
CA GLU C 188 -28.89 -11.07 3.89
C GLU C 188 -28.06 -11.61 5.05
N GLU C 189 -26.74 -11.52 4.91
CA GLU C 189 -25.81 -12.06 5.89
C GLU C 189 -25.19 -10.97 6.79
N ASP C 190 -25.38 -11.10 8.10
CA ASP C 190 -24.80 -10.16 9.06
C ASP C 190 -23.79 -10.83 9.99
N SER C 191 -23.39 -12.05 9.65
CA SER C 191 -22.42 -12.76 10.45
C SER C 191 -21.02 -12.18 10.34
N TYR C 192 -20.81 -11.24 9.43
CA TYR C 192 -19.46 -10.71 9.19
C TYR C 192 -19.36 -9.22 9.27
N LEU C 193 -20.27 -8.59 9.99
CA LEU C 193 -20.24 -7.15 10.15
C LEU C 193 -19.41 -6.72 11.35
N PHE C 194 -18.51 -5.78 11.16
CA PHE C 194 -17.86 -5.15 12.30
C PHE C 194 -18.26 -3.69 12.29
N ASP C 195 -19.04 -3.29 13.29
CA ASP C 195 -19.49 -1.92 13.44
C ASP C 195 -18.33 -0.98 13.77
N LEU C 196 -18.34 0.21 13.18
CA LEU C 196 -17.35 1.26 13.47
C LEU C 196 -17.94 2.35 14.38
N ASP C 197 -19.27 2.34 14.51
CA ASP C 197 -20.08 3.40 15.17
C ASP C 197 -19.38 4.70 15.61
N ASN C 198 -19.19 5.60 14.63
CA ASN C 198 -18.70 6.94 14.91
C ASN C 198 -19.49 7.57 16.08
N LYS C 199 -20.80 7.32 16.13
CA LYS C 199 -21.68 7.86 17.16
C LYS C 199 -21.90 9.36 16.96
N ASP C 200 -20.81 10.10 16.79
CA ASP C 200 -20.89 11.52 16.47
C ASP C 200 -21.25 11.69 14.99
N GLY C 201 -22.43 11.17 14.63
CA GLY C 201 -22.94 11.31 13.28
C GLY C 201 -22.99 10.01 12.49
N GLU C 202 -22.79 10.14 11.17
CA GLU C 202 -22.84 9.00 10.26
C GLU C 202 -21.89 7.86 10.69
N VAL C 203 -22.48 6.67 10.83
CA VAL C 203 -21.80 5.46 11.29
C VAL C 203 -21.54 4.48 10.12
N TYR C 204 -20.39 3.82 10.13
CA TYR C 204 -20.01 2.90 9.04
C TYR C 204 -19.69 1.47 9.51
N CYS C 205 -19.70 0.52 8.59
CA CYS C 205 -19.32 -0.85 8.92
C CYS C 205 -18.24 -1.39 8.01
N ILE C 206 -17.57 -2.43 8.48
CA ILE C 206 -16.81 -3.28 7.60
C ILE C 206 -17.58 -4.58 7.50
N ASP C 207 -18.03 -4.93 6.31
CA ASP C 207 -18.60 -6.26 6.13
C ASP C 207 -17.53 -7.13 5.53
N ALA C 208 -17.28 -8.28 6.12
CA ALA C 208 -16.26 -9.14 5.57
C ALA C 208 -16.89 -10.39 4.92
N ARG C 209 -18.20 -10.32 4.71
CA ARG C 209 -18.90 -11.39 4.01
C ARG C 209 -18.28 -11.69 2.64
N PHE C 210 -18.28 -10.69 1.74
CA PHE C 210 -17.88 -10.91 0.35
C PHE C 210 -16.38 -10.79 0.14
N TYR C 211 -15.77 -9.73 0.69
CA TYR C 211 -14.32 -9.60 0.70
C TYR C 211 -13.90 -9.43 2.14
N GLY C 212 -12.79 -10.05 2.51
CA GLY C 212 -12.27 -9.87 3.85
C GLY C 212 -11.16 -10.86 4.13
N ASN C 213 -10.21 -10.48 4.98
CA ASN C 213 -9.13 -11.38 5.32
C ASN C 213 -9.43 -12.36 6.46
N VAL C 214 -8.37 -12.88 7.07
CA VAL C 214 -8.49 -13.93 8.06
C VAL C 214 -9.38 -13.63 9.28
N SER C 215 -9.49 -12.37 9.67
CA SER C 215 -10.22 -12.03 10.89
C SER C 215 -11.72 -12.36 10.81
N ARG C 216 -12.27 -12.43 9.59
CA ARG C 216 -13.69 -12.79 9.42
C ARG C 216 -13.99 -14.15 10.06
N PHE C 217 -12.94 -14.93 10.25
CA PHE C 217 -13.07 -16.29 10.75
C PHE C 217 -12.86 -16.36 12.25
N ILE C 218 -12.29 -15.32 12.83
CA ILE C 218 -12.04 -15.26 14.28
C ILE C 218 -13.34 -15.28 15.06
N ASN C 219 -13.47 -16.23 15.98
CA ASN C 219 -14.73 -16.40 16.71
C ASN C 219 -14.89 -15.51 17.94
N HIS C 220 -16.02 -15.65 18.62
CA HIS C 220 -16.27 -14.88 19.84
C HIS C 220 -16.00 -15.66 21.13
N HIS C 221 -15.52 -14.93 22.12
CA HIS C 221 -15.13 -15.50 23.39
C HIS C 221 -15.35 -14.46 24.48
N CYS C 222 -15.81 -14.92 25.65
CA CYS C 222 -16.11 -14.02 26.76
C CYS C 222 -14.87 -13.66 27.56
N GLU C 223 -13.84 -14.49 27.48
CA GLU C 223 -12.55 -14.20 28.11
C GLU C 223 -11.46 -14.03 27.06
N PRO C 224 -11.64 -13.05 26.17
CA PRO C 224 -10.97 -13.05 24.87
C PRO C 224 -9.52 -12.63 24.98
N ASN C 225 -8.65 -13.29 24.22
CA ASN C 225 -7.22 -12.96 24.18
C ASN C 225 -6.88 -11.92 23.10
N LEU C 226 -7.92 -11.29 22.56
CA LEU C 226 -7.75 -10.27 21.55
C LEU C 226 -8.65 -9.10 21.87
N VAL C 227 -8.10 -7.89 21.73
CA VAL C 227 -8.93 -6.69 21.81
C VAL C 227 -8.77 -5.84 20.53
N PRO C 228 -9.90 -5.33 19.99
CA PRO C 228 -9.82 -4.44 18.83
C PRO C 228 -9.53 -2.98 19.21
N VAL C 229 -8.52 -2.42 18.57
CA VAL C 229 -8.14 -1.02 18.78
C VAL C 229 -8.37 -0.21 17.53
N ARG C 230 -8.99 0.96 17.67
CA ARG C 230 -9.18 1.86 16.52
C ARG C 230 -7.85 2.48 16.14
N VAL C 231 -7.41 2.28 14.91
CA VAL C 231 -6.13 2.85 14.51
C VAL C 231 -6.23 3.74 13.27
N PHE C 232 -5.32 4.72 13.20
CA PHE C 232 -5.21 5.66 12.06
C PHE C 232 -3.79 5.71 11.54
N MET C 233 -3.62 5.60 10.22
CA MET C 233 -2.27 5.63 9.63
C MET C 233 -2.13 6.52 8.40
N ALA C 234 -2.36 5.93 7.24
CA ALA C 234 -2.37 6.63 5.96
C ALA C 234 -3.35 7.79 5.96
N HIS C 235 -4.42 7.67 6.74
CA HIS C 235 -5.38 8.77 6.83
C HIS C 235 -5.93 8.94 8.25
N GLN C 236 -6.49 10.12 8.49
CA GLN C 236 -7.08 10.45 9.79
C GLN C 236 -8.51 10.92 9.58
N ASP C 237 -9.22 10.25 8.69
CA ASP C 237 -10.65 10.49 8.53
C ASP C 237 -11.35 9.77 9.68
N LEU C 238 -11.71 10.51 10.72
CA LEU C 238 -12.21 9.89 11.94
C LEU C 238 -13.48 9.06 11.75
N ARG C 239 -14.08 9.12 10.57
CA ARG C 239 -15.23 8.27 10.27
C ARG C 239 -14.79 6.85 9.97
N PHE C 240 -13.51 6.68 9.66
CA PHE C 240 -12.97 5.41 9.19
C PHE C 240 -11.72 4.97 9.95
N PRO C 241 -11.89 4.65 11.24
CA PRO C 241 -10.78 4.01 11.95
C PRO C 241 -10.52 2.65 11.31
N ARG C 242 -9.40 2.02 11.62
CA ARG C 242 -9.15 0.65 11.17
C ARG C 242 -8.97 -0.24 12.37
N ILE C 243 -9.62 -1.39 12.37
CA ILE C 243 -9.64 -2.25 13.55
C ILE C 243 -8.42 -3.17 13.68
N ALA C 244 -7.52 -2.84 14.59
CA ALA C 244 -6.39 -3.71 14.89
C ALA C 244 -6.72 -4.62 16.06
N PHE C 245 -6.28 -5.88 15.97
CA PHE C 245 -6.42 -6.79 17.11
C PHE C 245 -5.09 -6.95 17.82
N PHE C 246 -5.09 -6.64 19.11
CA PHE C 246 -3.93 -6.88 19.96
C PHE C 246 -4.23 -7.94 21.00
N SER C 247 -3.20 -8.71 21.32
CA SER C 247 -3.31 -9.78 22.32
C SER C 247 -3.46 -9.17 23.71
N THR C 248 -4.49 -9.60 24.44
CA THR C 248 -4.74 -9.11 25.78
C THR C 248 -3.89 -9.85 26.83
N ARG C 249 -3.12 -10.83 26.36
CA ARG C 249 -2.33 -11.67 27.24
C ARG C 249 -1.52 -12.63 26.38
N LEU C 250 -0.68 -13.42 27.04
CA LEU C 250 0.07 -14.46 26.34
C LEU C 250 -0.87 -15.44 25.66
N ILE C 251 -0.68 -15.62 24.34
CA ILE C 251 -1.43 -16.63 23.62
C ILE C 251 -0.50 -17.78 23.28
N GLU C 252 -0.82 -18.96 23.79
CA GLU C 252 0.00 -20.15 23.58
C GLU C 252 -0.17 -20.80 22.22
N ALA C 253 0.96 -21.12 21.59
CA ALA C 253 0.96 -21.93 20.38
C ALA C 253 -0.16 -22.98 20.39
N GLY C 254 -1.06 -22.89 19.42
CA GLY C 254 -2.15 -23.83 19.28
C GLY C 254 -3.46 -23.28 19.79
N GLU C 255 -3.38 -22.22 20.60
CA GLU C 255 -4.56 -21.62 21.19
C GLU C 255 -5.43 -20.98 20.09
N GLN C 256 -6.74 -20.98 20.28
CA GLN C 256 -7.65 -20.33 19.34
C GLN C 256 -7.92 -18.86 19.69
N LEU C 257 -7.68 -17.96 18.74
CA LEU C 257 -7.96 -16.52 18.90
C LEU C 257 -9.44 -16.21 18.97
N GLY C 258 -9.79 -15.24 19.80
CA GLY C 258 -11.18 -14.79 19.96
C GLY C 258 -11.30 -13.37 20.49
N PHE C 259 -12.43 -12.74 20.24
CA PHE C 259 -12.65 -11.41 20.75
C PHE C 259 -14.12 -11.26 21.12
N ASP C 260 -14.43 -10.28 21.96
CA ASP C 260 -15.80 -10.07 22.40
C ASP C 260 -16.57 -9.38 21.27
N TYR C 261 -17.52 -10.09 20.66
CA TYR C 261 -18.33 -9.52 19.58
C TYR C 261 -19.22 -8.40 20.10
N GLY C 262 -19.55 -8.44 21.38
CA GLY C 262 -20.30 -7.35 22.00
C GLY C 262 -21.78 -7.66 22.22
N GLU C 263 -22.44 -6.76 22.94
CA GLU C 263 -23.87 -6.90 23.25
C GLU C 263 -24.77 -6.79 22.02
N ARG C 264 -24.55 -5.77 21.19
CA ARG C 264 -25.30 -5.66 19.95
C ARG C 264 -25.36 -7.01 19.22
N PHE C 265 -24.20 -7.63 19.00
CA PHE C 265 -24.18 -8.93 18.31
C PHE C 265 -25.09 -9.96 18.98
N TRP C 266 -25.06 -9.99 20.31
CA TRP C 266 -25.74 -11.02 21.07
C TRP C 266 -27.21 -10.77 21.35
N ASP C 267 -27.58 -9.51 21.67
CA ASP C 267 -28.98 -9.10 21.72
C ASP C 267 -29.70 -9.83 20.59
N ILE C 268 -29.12 -9.68 19.40
CA ILE C 268 -29.72 -10.12 18.15
C ILE C 268 -29.50 -11.61 17.87
N LYS C 269 -28.25 -12.04 17.84
CA LYS C 269 -27.96 -13.42 17.45
C LYS C 269 -28.16 -14.45 18.58
N GLY C 270 -28.22 -13.98 19.82
CA GLY C 270 -28.50 -14.85 20.95
C GLY C 270 -29.77 -15.66 20.74
N LYS C 271 -30.76 -15.02 20.10
CA LYS C 271 -32.07 -15.62 19.84
C LYS C 271 -32.07 -16.76 18.83
N LEU C 272 -30.89 -17.20 18.38
CA LEU C 272 -30.80 -18.27 17.38
C LEU C 272 -29.93 -19.41 17.89
N PHE C 273 -28.93 -19.05 18.69
CA PHE C 273 -28.00 -20.00 19.26
C PHE C 273 -27.34 -19.26 20.40
N SER C 274 -26.73 -20.01 21.30
CA SER C 274 -26.04 -19.43 22.44
C SER C 274 -24.54 -19.47 22.21
N CYS C 275 -23.77 -19.00 23.19
CA CYS C 275 -22.32 -18.94 23.05
C CYS C 275 -21.61 -20.24 23.41
N ARG C 276 -20.95 -20.84 22.42
CA ARG C 276 -20.23 -22.09 22.64
C ARG C 276 -18.71 -21.93 22.86
N CYS C 277 -18.33 -20.80 23.44
CA CYS C 277 -16.91 -20.54 23.73
C CYS C 277 -16.43 -21.37 24.91
N GLY C 278 -17.37 -21.99 25.63
CA GLY C 278 -17.02 -22.91 26.70
C GLY C 278 -16.21 -22.35 27.84
N SER C 279 -16.44 -21.07 28.17
CA SER C 279 -15.77 -20.46 29.31
C SER C 279 -16.61 -20.65 30.56
N PRO C 280 -15.93 -20.83 31.71
CA PRO C 280 -16.61 -20.78 33.02
C PRO C 280 -17.26 -19.41 33.22
N LYS C 281 -16.80 -18.41 32.47
CA LYS C 281 -17.28 -17.04 32.63
C LYS C 281 -18.03 -16.55 31.38
N CYS C 282 -18.62 -17.51 30.66
CA CYS C 282 -19.51 -17.26 29.54
C CYS C 282 -20.63 -16.32 29.98
N ARG C 283 -20.89 -15.26 29.21
CA ARG C 283 -21.96 -14.33 29.53
C ARG C 283 -23.11 -14.46 28.52
N HIS C 284 -23.06 -15.51 27.71
CA HIS C 284 -24.05 -15.72 26.66
C HIS C 284 -24.32 -17.20 26.48
N SER C 285 -24.39 -17.91 27.60
CA SER C 285 -24.59 -19.36 27.61
C SER C 285 -26.07 -19.70 27.56
N THR D 3 -28.69 -3.89 13.06
CA THR D 3 -28.59 -5.36 12.94
C THR D 3 -27.52 -5.94 13.86
N ALA D 4 -26.98 -7.11 13.49
CA ALA D 4 -25.97 -7.81 14.30
C ALA D 4 -24.52 -7.45 13.94
N ARG D 5 -23.94 -6.50 14.67
CA ARG D 5 -22.63 -5.96 14.32
C ARG D 5 -21.59 -6.07 15.44
N LYS D 6 -20.50 -6.81 15.19
CA LYS D 6 -19.37 -6.85 16.12
C LYS D 6 -18.91 -5.41 16.35
N VAL D 7 -18.53 -5.05 17.57
CA VAL D 7 -18.07 -3.68 17.88
C VAL D 7 -16.94 -3.63 18.93
N GLY D 8 -16.37 -2.42 19.10
CA GLY D 8 -15.20 -2.17 19.95
C GLY D 8 -14.42 -0.89 19.59
#